data_3Q62
#
_entry.id   3Q62
#
_cell.length_a   42.433
_cell.length_b   50.668
_cell.length_c   132.384
_cell.angle_alpha   90.00
_cell.angle_beta   90.00
_cell.angle_gamma   90.00
#
_symmetry.space_group_name_H-M   'P 21 21 21'
#
loop_
_entity.id
_entity.type
_entity.pdbx_description
1 polymer '3-hydroxydecanoyl-[acyl-carrier-protein] dehydratase'
2 non-polymer '2-(N-MORPHOLINO)-ETHANESULFONIC ACID'
3 water water
#
_entity_poly.entity_id   1
_entity_poly.type   'polypeptide(L)'
_entity_poly.pdbx_seq_one_letter_code
;SNAMVDKRESYTKEDLEASGRGELFGAGGPPLPAGNMLMMDRIVKMIEDGGSHNKGYVEAELDINPDLWFFGCHFIGDPV
MPGCLGLDAMWQLVGFYLGWLGGEGKGRALGVGEVKFTGQVLPDAKKVTYRINFKRVIMRKLIMGVADGEVLVDGKVIYT
ATDLKVGLFKDTNAF
;
_entity_poly.pdbx_strand_id   A,B
#
loop_
_chem_comp.id
_chem_comp.type
_chem_comp.name
_chem_comp.formula
MES non-polymer '2-(N-MORPHOLINO)-ETHANESULFONIC ACID' 'C6 H13 N O4 S'
#
# COMPACT_ATOMS: atom_id res chain seq x y z
N SER A 1 11.97 -17.59 20.91
CA SER A 1 12.97 -16.87 20.14
C SER A 1 13.66 -17.79 19.14
N ASN A 2 14.18 -17.19 18.08
CA ASN A 2 14.83 -17.93 17.00
C ASN A 2 16.33 -17.67 17.01
N ALA A 3 17.11 -18.71 17.31
CA ALA A 3 18.57 -18.58 17.41
C ALA A 3 19.24 -18.72 16.05
N MET A 4 18.50 -19.19 15.06
N MET A 4 18.48 -19.18 15.06
CA MET A 4 19.05 -19.40 13.73
CA MET A 4 19.02 -19.39 13.71
C MET A 4 18.91 -18.17 12.84
C MET A 4 18.89 -18.15 12.84
N VAL A 5 19.55 -17.08 13.24
CA VAL A 5 19.48 -15.83 12.49
C VAL A 5 20.86 -15.41 12.00
N ASP A 6 20.93 -15.12 10.69
CA ASP A 6 22.14 -14.54 10.10
C ASP A 6 22.07 -13.03 10.29
N LYS A 7 22.69 -12.55 11.36
CA LYS A 7 22.53 -11.17 11.81
C LYS A 7 23.73 -10.29 11.44
N ARG A 8 23.55 -9.43 10.44
CA ARG A 8 24.60 -8.52 9.98
C ARG A 8 24.09 -7.08 9.88
N GLU A 9 25.01 -6.13 9.71
CA GLU A 9 24.67 -4.71 9.69
C GLU A 9 24.11 -4.23 8.33
N SER A 10 24.34 -5.01 7.29
CA SER A 10 23.87 -4.66 5.95
C SER A 10 23.59 -5.95 5.17
N TYR A 11 22.73 -5.83 4.17
CA TYR A 11 22.35 -6.99 3.37
C TYR A 11 22.29 -6.62 1.90
N THR A 12 22.75 -7.53 1.06
CA THR A 12 22.79 -7.30 -0.39
C THR A 12 21.52 -7.81 -1.05
N LYS A 13 21.41 -7.63 -2.36
CA LYS A 13 20.25 -8.13 -3.08
C LYS A 13 20.18 -9.66 -2.98
N GLU A 14 21.33 -10.33 -3.02
N GLU A 14 21.34 -10.31 -3.00
CA GLU A 14 21.35 -11.77 -2.88
CA GLU A 14 21.42 -11.75 -2.87
C GLU A 14 20.77 -12.17 -1.52
C GLU A 14 20.83 -12.19 -1.53
N ASP A 15 21.14 -11.45 -0.47
CA ASP A 15 20.60 -11.72 0.86
C ASP A 15 19.08 -11.56 0.88
N LEU A 16 18.57 -10.55 0.19
CA LEU A 16 17.13 -10.30 0.18
C LEU A 16 16.41 -11.41 -0.57
N GLU A 17 17.01 -11.89 -1.65
CA GLU A 17 16.44 -13.00 -2.38
C GLU A 17 16.47 -14.26 -1.53
N ALA A 18 17.57 -14.48 -0.80
CA ALA A 18 17.65 -15.61 0.14
C ALA A 18 16.58 -15.52 1.23
N SER A 19 16.35 -14.32 1.73
CA SER A 19 15.28 -14.07 2.71
C SER A 19 13.92 -14.51 2.18
N GLY A 20 13.62 -14.17 0.92
CA GLY A 20 12.36 -14.55 0.29
C GLY A 20 12.18 -16.07 0.26
N ARG A 21 13.32 -16.78 0.28
CA ARG A 21 13.31 -18.25 0.29
C ARG A 21 13.47 -18.82 1.69
N GLY A 22 13.46 -17.96 2.70
CA GLY A 22 13.56 -18.39 4.08
C GLY A 22 14.95 -18.80 4.55
N GLU A 23 15.98 -18.39 3.83
CA GLU A 23 17.33 -18.88 4.08
C GLU A 23 18.18 -17.96 4.96
N LEU A 24 17.64 -16.81 5.32
N LEU A 24 17.64 -16.80 5.33
CA LEU A 24 18.35 -15.84 6.14
CA LEU A 24 18.38 -15.85 6.16
C LEU A 24 18.04 -16.05 7.63
C LEU A 24 18.04 -16.01 7.64
N PHE A 25 16.76 -16.20 7.96
CA PHE A 25 16.31 -16.39 9.34
C PHE A 25 15.81 -17.82 9.60
N GLY A 26 15.93 -18.68 8.59
CA GLY A 26 15.55 -20.08 8.73
C GLY A 26 14.06 -20.33 8.78
N ALA A 27 13.70 -21.55 9.16
CA ALA A 27 12.28 -21.97 9.18
C ALA A 27 11.47 -21.19 10.21
N GLY A 28 12.13 -20.67 11.23
CA GLY A 28 11.42 -20.05 12.33
C GLY A 28 11.23 -18.54 12.25
N GLY A 29 11.86 -17.90 11.26
CA GLY A 29 11.81 -16.45 11.16
C GLY A 29 11.09 -15.94 9.93
N PRO A 30 10.81 -14.64 9.90
CA PRO A 30 9.97 -14.05 8.84
C PRO A 30 10.70 -13.84 7.50
N PRO A 31 10.21 -14.45 6.41
CA PRO A 31 10.78 -14.17 5.09
C PRO A 31 10.28 -12.84 4.52
N LEU A 32 11.08 -12.23 3.65
CA LEU A 32 10.62 -11.07 2.89
C LEU A 32 9.73 -11.57 1.75
N PRO A 33 8.96 -10.66 1.14
CA PRO A 33 8.27 -11.06 -0.10
C PRO A 33 9.29 -11.19 -1.22
N ALA A 34 8.87 -11.72 -2.36
CA ALA A 34 9.76 -11.94 -3.48
C ALA A 34 9.20 -11.31 -4.75
N GLY A 35 9.91 -11.48 -5.85
CA GLY A 35 9.39 -11.04 -7.14
C GLY A 35 8.93 -9.60 -7.15
N ASN A 36 7.73 -9.40 -7.70
CA ASN A 36 7.22 -8.06 -7.91
C ASN A 36 6.65 -7.39 -6.65
N MET A 37 6.70 -8.08 -5.51
CA MET A 37 6.38 -7.42 -4.24
C MET A 37 7.60 -7.06 -3.40
N LEU A 38 8.80 -7.42 -3.86
CA LEU A 38 10.00 -6.98 -3.16
C LEU A 38 10.32 -5.55 -3.60
N MET A 39 10.34 -4.63 -2.63
CA MET A 39 10.40 -3.20 -2.93
C MET A 39 11.70 -2.53 -2.47
N MET A 40 12.74 -3.34 -2.34
CA MET A 40 14.05 -2.81 -2.05
C MET A 40 15.09 -3.74 -2.66
N ASP A 41 16.29 -3.22 -2.88
CA ASP A 41 17.41 -3.95 -3.45
C ASP A 41 18.54 -4.24 -2.45
N ARG A 42 18.56 -3.51 -1.34
CA ARG A 42 19.59 -3.68 -0.32
C ARG A 42 19.16 -3.03 0.97
N ILE A 43 19.73 -3.52 2.07
CA ILE A 43 19.64 -2.86 3.36
C ILE A 43 21.02 -2.29 3.64
N VAL A 44 21.13 -0.97 3.73
N VAL A 44 21.09 -0.96 3.72
CA VAL A 44 22.46 -0.36 3.88
CA VAL A 44 22.35 -0.24 3.88
C VAL A 44 22.91 -0.21 5.34
C VAL A 44 22.86 -0.33 5.31
N LYS A 45 21.94 -0.14 6.25
CA LYS A 45 22.28 -0.02 7.68
C LYS A 45 21.23 -0.64 8.61
N MET A 46 21.68 -1.41 9.60
N MET A 46 21.69 -1.43 9.58
CA MET A 46 20.81 -1.79 10.71
CA MET A 46 20.88 -1.87 10.70
C MET A 46 21.55 -1.62 12.01
C MET A 46 21.64 -1.51 11.97
N ILE A 47 21.02 -0.75 12.86
CA ILE A 47 21.68 -0.40 14.12
C ILE A 47 20.72 -0.66 15.27
N GLU A 48 21.09 -1.60 16.13
CA GLU A 48 20.17 -2.07 17.16
C GLU A 48 19.84 -1.00 18.21
N ASP A 49 20.80 -0.17 18.57
CA ASP A 49 20.53 0.87 19.57
C ASP A 49 20.37 2.26 18.96
N GLY A 50 20.09 2.30 17.67
CA GLY A 50 20.11 3.54 16.93
C GLY A 50 18.74 4.17 16.74
N GLY A 51 18.73 5.31 16.07
CA GLY A 51 17.48 5.96 15.72
C GLY A 51 16.92 6.86 16.80
N SER A 52 15.74 7.41 16.50
CA SER A 52 15.11 8.46 17.32
C SER A 52 14.82 8.04 18.76
N HIS A 53 14.59 6.75 18.95
CA HIS A 53 14.22 6.24 20.28
C HIS A 53 15.26 5.27 20.83
N ASN A 54 16.42 5.21 20.18
CA ASN A 54 17.50 4.32 20.62
C ASN A 54 17.04 2.86 20.72
N LYS A 55 16.12 2.48 19.82
CA LYS A 55 15.54 1.13 19.81
C LYS A 55 15.73 0.44 18.49
N GLY A 56 16.35 1.13 17.54
CA GLY A 56 16.54 0.56 16.22
C GLY A 56 16.48 1.58 15.11
N TYR A 57 17.44 1.48 14.20
CA TYR A 57 17.42 2.28 12.98
C TYR A 57 17.71 1.35 11.82
N VAL A 58 16.90 1.44 10.77
CA VAL A 58 17.12 0.68 9.55
C VAL A 58 17.04 1.58 8.33
N GLU A 59 17.99 1.43 7.41
CA GLU A 59 17.94 2.17 6.16
C GLU A 59 18.11 1.19 5.00
N ALA A 60 17.29 1.36 3.97
CA ALA A 60 17.32 0.48 2.81
C ALA A 60 17.15 1.31 1.53
N GLU A 61 17.43 0.69 0.39
CA GLU A 61 17.32 1.38 -0.89
C GLU A 61 16.67 0.52 -1.96
N LEU A 62 15.93 1.19 -2.85
CA LEU A 62 15.43 0.59 -4.08
C LEU A 62 16.02 1.37 -5.24
N ASP A 63 16.69 0.67 -6.15
CA ASP A 63 17.20 1.34 -7.35
C ASP A 63 16.05 1.57 -8.31
N ILE A 64 15.99 2.76 -8.90
CA ILE A 64 14.92 3.06 -9.85
C ILE A 64 15.45 3.02 -11.28
N ASN A 65 14.68 2.35 -12.15
CA ASN A 65 14.90 2.43 -13.59
C ASN A 65 13.53 2.48 -14.27
N PRO A 66 13.49 2.92 -15.53
CA PRO A 66 12.17 3.16 -16.14
C PRO A 66 11.36 1.90 -16.39
N ASP A 67 12.00 0.73 -16.30
CA ASP A 67 11.33 -0.53 -16.64
C ASP A 67 10.72 -1.28 -15.46
N LEU A 68 10.83 -0.73 -14.26
CA LEU A 68 10.19 -1.38 -13.12
C LEU A 68 8.70 -1.60 -13.41
N TRP A 69 8.19 -2.76 -13.01
CA TRP A 69 6.88 -3.22 -13.46
C TRP A 69 5.74 -2.24 -13.19
N PHE A 70 5.76 -1.59 -12.04
CA PHE A 70 4.64 -0.73 -11.67
C PHE A 70 4.50 0.51 -12.56
N PHE A 71 5.59 0.94 -13.20
CA PHE A 71 5.51 2.16 -13.99
C PHE A 71 4.60 1.97 -15.21
N GLY A 72 4.63 0.76 -15.78
CA GLY A 72 3.88 0.50 -16.99
C GLY A 72 2.37 0.49 -16.81
N CYS A 73 1.94 0.13 -15.62
CA CYS A 73 0.51 -0.05 -15.35
C CYS A 73 -0.08 1.00 -14.42
N HIS A 74 0.76 1.85 -13.83
CA HIS A 74 0.28 2.82 -12.85
C HIS A 74 0.99 4.16 -13.10
N PHE A 75 0.43 5.06 -13.91
CA PHE A 75 -0.76 4.88 -14.74
C PHE A 75 -0.34 4.92 -16.20
N ILE A 76 -1.15 4.35 -17.08
CA ILE A 76 -0.90 4.50 -18.50
C ILE A 76 -0.93 5.99 -18.84
N GLY A 77 0.12 6.48 -19.49
CA GLY A 77 0.26 7.89 -19.79
C GLY A 77 0.85 8.75 -18.67
N ASP A 78 1.09 8.13 -17.50
CA ASP A 78 1.46 8.91 -16.31
C ASP A 78 2.10 7.98 -15.31
N PRO A 79 3.30 7.48 -15.63
CA PRO A 79 3.95 6.51 -14.74
C PRO A 79 4.41 7.13 -13.43
N VAL A 80 4.11 6.46 -12.33
CA VAL A 80 4.50 6.93 -11.01
C VAL A 80 4.46 5.75 -10.03
N MET A 81 5.45 5.62 -9.18
CA MET A 81 5.43 4.50 -8.25
C MET A 81 4.27 4.66 -7.29
N PRO A 82 3.45 3.61 -7.14
CA PRO A 82 2.39 3.71 -6.12
C PRO A 82 2.99 3.92 -4.72
N GLY A 83 2.45 4.90 -4.00
CA GLY A 83 2.91 5.16 -2.64
C GLY A 83 2.76 3.93 -1.75
N CYS A 84 1.71 3.17 -2.00
CA CYS A 84 1.40 1.99 -1.18
C CYS A 84 2.54 0.97 -1.16
N LEU A 85 3.31 0.90 -2.26
CA LEU A 85 4.42 -0.05 -2.36
C LEU A 85 5.61 0.43 -1.53
N GLY A 86 5.80 1.74 -1.44
CA GLY A 86 6.79 2.28 -0.53
C GLY A 86 6.38 2.07 0.92
N LEU A 87 5.09 2.21 1.21
CA LEU A 87 4.59 1.86 2.55
C LEU A 87 4.87 0.38 2.85
N ASP A 88 4.61 -0.49 1.88
CA ASP A 88 4.86 -1.90 2.11
C ASP A 88 6.33 -2.18 2.37
N ALA A 89 7.21 -1.49 1.64
CA ALA A 89 8.64 -1.65 1.86
C ALA A 89 8.96 -1.41 3.33
N MET A 90 8.34 -0.38 3.89
CA MET A 90 8.59 -0.02 5.28
C MET A 90 8.00 -1.05 6.25
N TRP A 91 6.77 -1.51 5.98
CA TRP A 91 6.20 -2.59 6.76
C TRP A 91 7.11 -3.82 6.72
N GLN A 92 7.60 -4.17 5.54
CA GLN A 92 8.47 -5.35 5.43
C GLN A 92 9.74 -5.19 6.26
N LEU A 93 10.29 -3.98 6.29
CA LEU A 93 11.51 -3.70 7.04
C LEU A 93 11.27 -3.81 8.55
N VAL A 94 10.08 -3.41 9.01
CA VAL A 94 9.75 -3.57 10.42
C VAL A 94 9.70 -5.05 10.79
N GLY A 95 9.02 -5.85 9.97
CA GLY A 95 9.00 -7.29 10.19
C GLY A 95 10.40 -7.91 10.14
N PHE A 96 11.19 -7.47 9.17
CA PHE A 96 12.56 -7.96 9.01
C PHE A 96 13.40 -7.69 10.26
N TYR A 97 13.27 -6.49 10.81
CA TYR A 97 13.99 -6.13 12.02
C TYR A 97 13.61 -7.03 13.20
N LEU A 98 12.32 -7.29 13.36
CA LEU A 98 11.87 -8.23 14.39
C LEU A 98 12.54 -9.61 14.22
N GLY A 99 12.62 -10.10 12.99
CA GLY A 99 13.29 -11.35 12.73
C GLY A 99 14.79 -11.30 13.02
N TRP A 100 15.41 -10.19 12.63
CA TRP A 100 16.83 -9.93 12.86
C TRP A 100 17.18 -10.02 14.34
N LEU A 101 16.24 -9.61 15.19
CA LEU A 101 16.42 -9.66 16.65
C LEU A 101 16.11 -11.04 17.22
N GLY A 102 15.72 -11.97 16.35
CA GLY A 102 15.47 -13.33 16.78
C GLY A 102 14.00 -13.65 16.95
N GLY A 103 13.13 -12.78 16.44
CA GLY A 103 11.70 -13.00 16.56
C GLY A 103 11.23 -14.15 15.71
N GLU A 104 10.34 -14.97 16.28
CA GLU A 104 9.85 -16.16 15.61
C GLU A 104 8.48 -15.91 14.98
N GLY A 105 8.33 -16.31 13.73
CA GLY A 105 7.03 -16.25 13.07
C GLY A 105 7.05 -15.62 11.69
N LYS A 106 5.87 -15.52 11.10
CA LYS A 106 5.69 -14.90 9.81
C LYS A 106 5.09 -13.50 10.00
N GLY A 107 5.64 -12.53 9.27
CA GLY A 107 5.23 -11.16 9.46
C GLY A 107 3.86 -10.83 8.86
N ARG A 108 3.14 -9.95 9.55
CA ARG A 108 1.90 -9.38 9.04
C ARG A 108 1.81 -7.91 9.42
N ALA A 109 1.73 -7.03 8.43
CA ALA A 109 1.48 -5.62 8.72
C ALA A 109 0.13 -5.50 9.46
N LEU A 110 0.11 -4.66 10.50
CA LEU A 110 -1.08 -4.47 11.33
C LEU A 110 -1.74 -3.12 11.09
N GLY A 111 -0.98 -2.18 10.51
CA GLY A 111 -1.52 -0.88 10.17
C GLY A 111 -0.53 0.25 10.29
N VAL A 112 -1.03 1.47 10.24
CA VAL A 112 -0.21 2.65 10.31
C VAL A 112 -1.05 3.79 10.87
N GLY A 113 -0.38 4.76 11.48
N GLY A 113 -0.41 4.74 11.54
CA GLY A 113 -1.01 6.02 11.80
CA GLY A 113 -1.12 5.82 12.20
C GLY A 113 -0.96 6.90 10.56
C GLY A 113 -1.46 6.98 11.29
N GLU A 114 -0.63 8.16 10.75
N GLU A 114 -0.46 7.46 10.56
CA GLU A 114 -0.68 9.14 9.66
CA GLU A 114 -0.67 8.57 9.64
C GLU A 114 0.36 8.91 8.57
C GLU A 114 0.35 8.54 8.52
N VAL A 115 -0.10 8.86 7.32
CA VAL A 115 0.77 8.84 6.15
C VAL A 115 0.56 10.12 5.38
N LYS A 116 1.66 10.78 5.02
CA LYS A 116 1.61 11.98 4.20
C LYS A 116 2.51 11.81 2.99
N PHE A 117 1.95 11.96 1.79
CA PHE A 117 2.70 11.91 0.56
C PHE A 117 2.84 13.34 0.05
N THR A 118 4.06 13.85 -0.05
CA THR A 118 4.29 15.22 -0.53
C THR A 118 5.12 15.24 -1.81
N GLY A 119 5.30 14.08 -2.42
CA GLY A 119 6.04 14.00 -3.66
C GLY A 119 5.87 12.63 -4.29
N GLN A 120 6.61 12.37 -5.34
CA GLN A 120 6.39 11.18 -6.16
C GLN A 120 7.68 10.62 -6.71
N VAL A 121 7.67 9.32 -7.02
CA VAL A 121 8.78 8.63 -7.65
C VAL A 121 8.45 8.43 -9.13
N LEU A 122 9.20 9.11 -9.99
CA LEU A 122 9.01 9.04 -11.43
C LEU A 122 10.03 8.08 -12.05
N PRO A 123 9.77 7.60 -13.27
CA PRO A 123 10.67 6.60 -13.88
C PRO A 123 12.06 7.13 -14.20
N ASP A 124 12.27 8.44 -14.13
CA ASP A 124 13.59 9.01 -14.36
C ASP A 124 14.36 9.28 -13.05
N ALA A 125 13.78 8.89 -11.92
CA ALA A 125 14.49 8.90 -10.64
C ALA A 125 15.57 7.83 -10.64
N LYS A 126 16.49 7.92 -9.69
N LYS A 126 16.48 7.90 -9.67
CA LYS A 126 17.59 6.96 -9.59
CA LYS A 126 17.58 6.95 -9.60
C LYS A 126 17.54 6.07 -8.35
C LYS A 126 17.57 6.07 -8.35
N LYS A 127 17.13 6.63 -7.22
CA LYS A 127 17.16 5.90 -5.96
C LYS A 127 16.04 6.28 -5.01
N VAL A 128 15.41 5.26 -4.42
CA VAL A 128 14.49 5.48 -3.32
C VAL A 128 15.16 4.99 -2.05
N THR A 129 15.09 5.80 -1.00
CA THR A 129 15.65 5.44 0.30
C THR A 129 14.54 5.31 1.34
N TYR A 130 14.60 4.24 2.13
CA TYR A 130 13.69 4.04 3.25
C TYR A 130 14.46 4.20 4.55
N ARG A 131 13.93 5.02 5.46
CA ARG A 131 14.54 5.18 6.78
C ARG A 131 13.51 4.86 7.85
N ILE A 132 13.85 3.93 8.74
CA ILE A 132 12.92 3.45 9.74
C ILE A 132 13.49 3.70 11.12
N ASN A 133 12.72 4.38 11.96
CA ASN A 133 13.09 4.63 13.34
C ASN A 133 12.13 3.87 14.27
N PHE A 134 12.65 2.89 14.99
CA PHE A 134 11.80 2.07 15.84
C PHE A 134 11.46 2.76 17.15
N LYS A 135 10.20 2.65 17.57
CA LYS A 135 9.74 3.31 18.77
C LYS A 135 9.42 2.29 19.86
N ARG A 136 8.99 1.11 19.43
N ARG A 136 8.97 1.11 19.43
CA ARG A 136 8.71 0.03 20.38
CA ARG A 136 8.68 0.01 20.36
C ARG A 136 9.01 -1.33 19.75
C ARG A 136 9.02 -1.33 19.73
N VAL A 137 9.65 -2.19 20.51
CA VAL A 137 9.94 -3.54 20.08
C VAL A 137 9.50 -4.47 21.21
N ILE A 138 8.50 -5.31 20.92
CA ILE A 138 8.00 -6.24 21.91
C ILE A 138 8.44 -7.65 21.51
N MET A 139 9.30 -8.25 22.33
N MET A 139 9.33 -8.25 22.30
CA MET A 139 9.89 -9.55 22.01
CA MET A 139 9.85 -9.57 21.97
C MET A 139 9.45 -10.62 23.00
C MET A 139 9.43 -10.60 23.01
N LEU A 142 3.86 -12.49 21.66
CA LEU A 142 3.25 -11.35 20.97
C LEU A 142 4.31 -10.44 20.35
N ILE A 143 5.07 -10.96 19.39
CA ILE A 143 6.19 -10.21 18.82
C ILE A 143 5.69 -9.12 17.90
N MET A 144 6.01 -7.88 18.22
N MET A 144 6.03 -7.87 18.20
CA MET A 144 5.60 -6.79 17.34
CA MET A 144 5.51 -6.75 17.44
C MET A 144 6.52 -5.59 17.43
C MET A 144 6.39 -5.50 17.50
N GLY A 145 6.45 -4.76 16.40
CA GLY A 145 7.25 -3.56 16.33
C GLY A 145 6.39 -2.38 15.94
N VAL A 146 6.73 -1.23 16.49
CA VAL A 146 6.07 0.03 16.15
C VAL A 146 7.17 1.00 15.74
N ALA A 147 7.00 1.66 14.60
CA ALA A 147 8.08 2.49 14.07
C ALA A 147 7.53 3.69 13.30
N ASP A 148 8.40 4.68 13.08
CA ASP A 148 8.12 5.75 12.13
C ASP A 148 9.00 5.52 10.91
N GLY A 149 8.50 5.92 9.75
CA GLY A 149 9.25 5.73 8.52
C GLY A 149 9.22 6.95 7.63
N GLU A 150 10.28 7.12 6.85
CA GLU A 150 10.36 8.15 5.84
C GLU A 150 10.81 7.51 4.53
N VAL A 151 10.24 7.98 3.42
CA VAL A 151 10.71 7.58 2.10
C VAL A 151 11.26 8.82 1.40
N LEU A 152 12.44 8.67 0.80
CA LEU A 152 13.06 9.72 0.02
C LEU A 152 13.24 9.25 -1.40
N VAL A 153 13.17 10.18 -2.35
CA VAL A 153 13.56 9.88 -3.71
C VAL A 153 14.70 10.83 -4.08
N ASP A 154 15.81 10.25 -4.52
CA ASP A 154 16.99 11.02 -4.87
C ASP A 154 17.30 12.06 -3.80
N GLY A 155 17.25 11.62 -2.54
CA GLY A 155 17.67 12.45 -1.42
C GLY A 155 16.61 13.38 -0.85
N LYS A 156 15.42 13.40 -1.43
CA LYS A 156 14.35 14.31 -0.99
C LYS A 156 13.21 13.55 -0.32
N VAL A 157 12.85 13.96 0.90
CA VAL A 157 11.74 13.30 1.58
C VAL A 157 10.43 13.50 0.82
N ILE A 158 9.73 12.40 0.53
CA ILE A 158 8.44 12.49 -0.14
C ILE A 158 7.28 11.81 0.60
N TYR A 159 7.57 10.83 1.47
CA TYR A 159 6.51 10.25 2.30
C TYR A 159 6.97 10.20 3.74
N THR A 160 6.03 10.43 4.65
CA THR A 160 6.25 10.11 6.05
C THR A 160 5.14 9.18 6.51
N ALA A 161 5.47 8.27 7.41
CA ALA A 161 4.49 7.36 7.97
C ALA A 161 4.78 7.22 9.45
N THR A 162 3.82 7.56 10.30
CA THR A 162 4.06 7.35 11.72
C THR A 162 3.24 6.18 12.25
N ASP A 163 3.80 5.48 13.23
N ASP A 163 3.80 5.47 13.22
CA ASP A 163 3.13 4.33 13.85
CA ASP A 163 3.12 4.34 13.84
C ASP A 163 2.87 3.16 12.90
C ASP A 163 2.86 3.17 12.90
N LEU A 164 3.83 2.86 12.05
CA LEU A 164 3.83 1.61 11.31
C LEU A 164 3.85 0.50 12.35
N LYS A 165 2.98 -0.49 12.21
CA LYS A 165 2.93 -1.62 13.15
C LYS A 165 2.94 -2.92 12.39
N VAL A 166 3.76 -3.86 12.85
CA VAL A 166 3.89 -5.19 12.26
C VAL A 166 4.03 -6.20 13.39
N GLY A 167 3.39 -7.35 13.24
CA GLY A 167 3.55 -8.44 14.19
C GLY A 167 4.10 -9.68 13.51
N LEU A 168 4.72 -10.55 14.31
CA LEU A 168 5.12 -11.88 13.84
C LEU A 168 4.15 -12.90 14.40
N PHE A 169 3.68 -13.79 13.54
CA PHE A 169 2.69 -14.78 13.93
C PHE A 169 3.22 -16.18 13.63
N LYS A 170 3.26 -17.03 14.66
CA LYS A 170 3.70 -18.40 14.48
C LYS A 170 2.59 -19.19 13.79
N ASP A 171 1.35 -18.79 14.04
CA ASP A 171 0.19 -19.37 13.37
C ASP A 171 -0.61 -18.26 12.69
N THR A 172 -0.38 -18.07 11.40
CA THR A 172 -1.05 -17.03 10.63
C THR A 172 -2.57 -17.26 10.55
N ASN B 2 -18.36 20.21 -13.64
CA ASN B 2 -19.30 20.06 -12.53
C ASN B 2 -20.77 20.05 -12.97
N ALA B 3 -20.99 20.10 -14.28
CA ALA B 3 -22.34 20.11 -14.83
C ALA B 3 -22.81 18.70 -15.19
N MET B 4 -21.92 17.72 -15.04
CA MET B 4 -22.23 16.33 -15.38
C MET B 4 -23.38 15.77 -14.56
N VAL B 5 -24.40 15.26 -15.24
CA VAL B 5 -25.56 14.65 -14.60
C VAL B 5 -25.90 13.34 -15.28
N ASP B 6 -27.05 12.77 -14.95
CA ASP B 6 -27.43 11.44 -15.43
C ASP B 6 -26.21 10.50 -15.37
N LYS B 7 -25.66 10.32 -14.17
CA LYS B 7 -24.47 9.51 -14.01
C LYS B 7 -24.80 8.03 -13.83
N ARG B 8 -23.93 7.16 -14.34
CA ARG B 8 -24.08 5.72 -14.12
C ARG B 8 -23.81 5.39 -12.66
N GLU B 9 -24.51 4.39 -12.14
CA GLU B 9 -24.34 4.03 -10.73
C GLU B 9 -23.52 2.76 -10.53
N SER B 10 -23.11 2.13 -11.62
CA SER B 10 -22.28 0.93 -11.57
C SER B 10 -21.39 0.85 -12.79
N TYR B 11 -20.29 0.10 -12.68
CA TYR B 11 -19.36 -0.08 -13.79
C TYR B 11 -18.85 -1.52 -13.84
N THR B 12 -18.69 -2.04 -15.05
CA THR B 12 -18.23 -3.41 -15.26
C THR B 12 -16.69 -3.46 -15.35
N LYS B 13 -16.13 -4.66 -15.35
CA LYS B 13 -14.68 -4.82 -15.54
C LYS B 13 -14.21 -4.15 -16.84
N GLU B 14 -14.99 -4.31 -17.89
CA GLU B 14 -14.68 -3.67 -19.17
C GLU B 14 -14.59 -2.14 -19.02
N ASP B 15 -15.52 -1.56 -18.27
CA ASP B 15 -15.49 -0.13 -17.99
C ASP B 15 -14.22 0.26 -17.21
N LEU B 16 -13.85 -0.57 -16.23
CA LEU B 16 -12.67 -0.26 -15.42
C LEU B 16 -11.41 -0.33 -16.26
N GLU B 17 -11.37 -1.26 -17.22
CA GLU B 17 -10.22 -1.34 -18.12
C GLU B 17 -10.20 -0.17 -19.09
N ALA B 18 -11.37 0.27 -19.53
CA ALA B 18 -11.45 1.47 -20.36
C ALA B 18 -10.94 2.69 -19.58
N SER B 19 -11.26 2.73 -18.28
CA SER B 19 -10.76 3.81 -17.44
C SER B 19 -9.24 3.81 -17.39
N GLY B 20 -8.63 2.63 -17.28
CA GLY B 20 -7.18 2.53 -17.30
C GLY B 20 -6.56 3.11 -18.56
N ARG B 21 -7.29 3.01 -19.68
N ARG B 21 -7.26 3.03 -19.69
CA ARG B 21 -6.86 3.56 -20.97
CA ARG B 21 -6.76 3.60 -20.94
C ARG B 21 -7.20 5.05 -21.12
C ARG B 21 -7.19 5.06 -21.12
N GLY B 22 -7.80 5.64 -20.09
CA GLY B 22 -8.23 7.03 -20.17
C GLY B 22 -9.40 7.19 -21.12
N GLU B 23 -10.24 6.16 -21.22
CA GLU B 23 -11.29 6.11 -22.22
C GLU B 23 -12.69 5.84 -21.64
N LEU B 24 -12.84 5.99 -20.33
CA LEU B 24 -14.17 5.86 -19.73
C LEU B 24 -14.80 7.23 -19.54
N PHE B 25 -14.06 8.13 -18.91
CA PHE B 25 -14.50 9.51 -18.77
C PHE B 25 -13.89 10.29 -19.94
N GLY B 26 -13.86 11.61 -19.84
CA GLY B 26 -13.20 12.39 -20.87
C GLY B 26 -11.72 12.07 -20.84
N ALA B 27 -11.00 12.43 -21.90
CA ALA B 27 -9.55 12.20 -21.94
C ALA B 27 -8.84 12.94 -20.80
N GLY B 28 -9.50 13.95 -20.26
CA GLY B 28 -8.94 14.73 -19.16
C GLY B 28 -9.21 14.13 -17.78
N GLY B 29 -10.08 13.12 -17.72
CA GLY B 29 -10.42 12.50 -16.44
C GLY B 29 -9.32 11.62 -15.90
N PRO B 30 -9.34 11.35 -14.59
CA PRO B 30 -8.29 10.51 -13.99
C PRO B 30 -8.48 9.03 -14.34
N PRO B 31 -7.45 8.40 -14.93
CA PRO B 31 -7.55 6.97 -15.19
C PRO B 31 -7.35 6.15 -13.93
N LEU B 32 -7.99 4.99 -13.87
CA LEU B 32 -7.61 3.95 -12.91
C LEU B 32 -6.26 3.36 -13.29
N PRO B 33 -5.59 2.69 -12.34
CA PRO B 33 -4.44 1.89 -12.76
C PRO B 33 -4.89 0.75 -13.67
N ALA B 34 -3.95 0.20 -14.42
CA ALA B 34 -4.21 -0.95 -15.28
C ALA B 34 -3.48 -2.18 -14.76
N GLY B 35 -3.74 -3.32 -15.39
CA GLY B 35 -2.96 -4.52 -15.14
C GLY B 35 -2.84 -4.90 -13.67
N ASN B 36 -1.61 -5.15 -13.24
CA ASN B 36 -1.39 -5.68 -11.90
C ASN B 36 -1.65 -4.69 -10.77
N MET B 37 -1.81 -3.41 -11.09
CA MET B 37 -2.19 -2.44 -10.06
C MET B 37 -3.70 -2.17 -9.96
N LEU B 38 -4.50 -2.73 -10.87
CA LEU B 38 -5.96 -2.63 -10.74
C LEU B 38 -6.45 -3.65 -9.72
N MET B 39 -7.08 -3.16 -8.65
CA MET B 39 -7.40 -4.00 -7.51
C MET B 39 -8.91 -4.18 -7.30
N MET B 40 -9.67 -4.09 -8.38
CA MET B 40 -11.10 -4.38 -8.31
C MET B 40 -11.57 -4.83 -9.69
N ASP B 41 -12.69 -5.55 -9.70
CA ASP B 41 -13.30 -6.06 -10.92
C ASP B 41 -14.54 -5.30 -11.34
N ARG B 42 -15.27 -4.76 -10.36
CA ARG B 42 -16.50 -4.04 -10.65
C ARG B 42 -16.80 -2.98 -9.61
N ILE B 43 -17.51 -1.93 -10.02
CA ILE B 43 -18.08 -0.98 -9.08
C ILE B 43 -19.57 -1.26 -9.06
N VAL B 44 -20.09 -1.63 -7.88
CA VAL B 44 -21.49 -2.04 -7.79
C VAL B 44 -22.45 -0.90 -7.43
N LYS B 45 -21.94 0.13 -6.76
CA LYS B 45 -22.78 1.26 -6.37
C LYS B 45 -21.97 2.55 -6.31
N MET B 46 -22.54 3.61 -6.89
CA MET B 46 -22.04 4.96 -6.72
C MET B 46 -23.20 5.88 -6.44
N ILE B 47 -23.12 6.64 -5.35
CA ILE B 47 -24.20 7.53 -4.97
C ILE B 47 -23.64 8.89 -4.59
N GLU B 48 -24.06 9.93 -5.31
CA GLU B 48 -23.68 11.27 -4.94
C GLU B 48 -24.43 11.63 -3.66
N ASP B 49 -23.73 12.16 -2.68
CA ASP B 49 -24.34 12.54 -1.41
C ASP B 49 -24.87 11.34 -0.63
N GLY B 50 -24.49 10.14 -1.01
CA GLY B 50 -24.84 8.98 -0.23
C GLY B 50 -23.78 8.71 0.81
N GLY B 51 -23.83 7.54 1.42
CA GLY B 51 -22.79 7.11 2.33
C GLY B 51 -22.98 7.59 3.75
N SER B 52 -22.02 7.26 4.61
N SER B 52 -22.02 7.24 4.60
CA SER B 52 -22.19 7.47 6.04
CA SER B 52 -22.13 7.47 6.04
C SER B 52 -22.24 8.94 6.44
C SER B 52 -22.27 8.95 6.41
N HIS B 53 -21.67 9.83 5.62
CA HIS B 53 -21.72 11.25 5.92
C HIS B 53 -22.59 12.06 4.96
N ASN B 54 -23.33 11.33 4.12
CA ASN B 54 -24.20 11.95 3.13
C ASN B 54 -23.45 12.82 2.12
N LYS B 55 -22.18 12.49 1.87
N LYS B 55 -22.18 12.50 1.88
CA LYS B 55 -21.35 13.30 0.98
CA LYS B 55 -21.33 13.30 1.01
C LYS B 55 -20.71 12.49 -0.14
C LYS B 55 -20.82 12.54 -0.22
N GLY B 56 -21.20 11.27 -0.33
CA GLY B 56 -20.74 10.45 -1.43
C GLY B 56 -20.43 9.03 -0.98
N TYR B 57 -20.75 8.06 -1.84
CA TYR B 57 -20.52 6.66 -1.54
C TYR B 57 -20.11 5.92 -2.79
N VAL B 58 -19.13 5.03 -2.66
CA VAL B 58 -18.86 4.07 -3.72
C VAL B 58 -18.54 2.70 -3.13
N GLU B 59 -19.08 1.67 -3.75
CA GLU B 59 -18.85 0.29 -3.33
C GLU B 59 -18.33 -0.50 -4.52
N ALA B 60 -17.25 -1.24 -4.31
CA ALA B 60 -16.61 -2.00 -5.37
C ALA B 60 -16.23 -3.39 -4.89
N GLU B 61 -15.88 -4.26 -5.83
CA GLU B 61 -15.61 -5.66 -5.51
C GLU B 61 -14.42 -6.18 -6.28
N LEU B 62 -13.66 -7.05 -5.62
CA LEU B 62 -12.57 -7.80 -6.26
C LEU B 62 -12.83 -9.28 -6.05
N ASP B 63 -12.90 -10.04 -7.13
CA ASP B 63 -13.02 -11.49 -7.02
C ASP B 63 -11.64 -12.06 -6.66
N ILE B 64 -11.62 -12.86 -5.60
N ILE B 64 -11.60 -12.91 -5.64
CA ILE B 64 -10.37 -13.43 -5.15
CA ILE B 64 -10.32 -13.38 -5.12
C ILE B 64 -10.12 -14.75 -5.85
C ILE B 64 -9.89 -14.72 -5.74
N ASN B 65 -9.44 -14.68 -6.98
CA ASN B 65 -9.01 -15.87 -7.71
C ASN B 65 -7.67 -16.35 -7.15
N PRO B 66 -7.50 -17.68 -7.03
CA PRO B 66 -6.23 -18.16 -6.47
C PRO B 66 -5.02 -17.80 -7.33
N ASP B 67 -5.26 -17.41 -8.57
N ASP B 67 -5.28 -17.43 -8.58
CA ASP B 67 -4.18 -17.09 -9.49
CA ASP B 67 -4.22 -17.09 -9.52
C ASP B 67 -3.75 -15.63 -9.46
C ASP B 67 -3.84 -15.60 -9.54
N LEU B 68 -4.39 -14.82 -8.60
CA LEU B 68 -4.04 -13.40 -8.51
C LEU B 68 -2.53 -13.28 -8.28
N TRP B 69 -1.90 -12.35 -9.00
CA TRP B 69 -0.45 -12.31 -9.12
C TRP B 69 0.26 -12.21 -7.77
N PHE B 70 -0.29 -11.43 -6.85
CA PHE B 70 0.41 -11.16 -5.60
C PHE B 70 0.49 -12.38 -4.69
N PHE B 71 -0.39 -13.36 -4.88
CA PHE B 71 -0.36 -14.55 -4.05
C PHE B 71 0.94 -15.35 -4.24
N GLY B 72 1.48 -15.33 -5.45
CA GLY B 72 2.66 -16.12 -5.78
C GLY B 72 3.94 -15.60 -5.16
N CYS B 73 4.00 -14.29 -4.91
CA CYS B 73 5.23 -13.68 -4.43
C CYS B 73 5.13 -13.10 -3.03
N HIS B 74 3.92 -13.05 -2.48
CA HIS B 74 3.72 -12.43 -1.18
C HIS B 74 2.79 -13.32 -0.34
N PHE B 75 3.34 -14.24 0.46
CA PHE B 75 4.76 -14.59 0.50
C PHE B 75 4.91 -15.95 -0.17
N ILE B 76 6.12 -16.31 -0.59
CA ILE B 76 6.29 -17.59 -1.28
C ILE B 76 5.82 -18.74 -0.40
N GLY B 77 4.88 -19.55 -0.91
CA GLY B 77 4.36 -20.68 -0.14
C GLY B 77 3.48 -20.29 1.05
N ASP B 78 3.18 -19.00 1.16
CA ASP B 78 2.36 -18.48 2.25
C ASP B 78 1.58 -17.28 1.70
N PRO B 79 0.64 -17.56 0.79
CA PRO B 79 -0.03 -16.47 0.05
C PRO B 79 -1.00 -15.66 0.89
N VAL B 80 -0.92 -14.33 0.76
CA VAL B 80 -1.82 -13.42 1.44
C VAL B 80 -1.80 -12.09 0.67
N MET B 81 -2.96 -11.49 0.46
CA MET B 81 -2.98 -10.22 -0.25
C MET B 81 -2.32 -9.15 0.61
N PRO B 82 -1.35 -8.42 0.04
CA PRO B 82 -0.77 -7.30 0.80
C PRO B 82 -1.84 -6.29 1.21
N GLY B 83 -1.83 -5.86 2.47
CA GLY B 83 -2.79 -4.86 2.93
C GLY B 83 -2.66 -3.59 2.12
N CYS B 84 -1.42 -3.26 1.73
CA CYS B 84 -1.16 -2.03 0.99
C CYS B 84 -1.93 -1.94 -0.31
N LEU B 85 -2.26 -3.09 -0.91
CA LEU B 85 -2.99 -3.10 -2.17
C LEU B 85 -4.48 -2.84 -1.97
N GLY B 86 -5.02 -3.27 -0.83
CA GLY B 86 -6.38 -2.94 -0.45
C GLY B 86 -6.47 -1.46 -0.12
N LEU B 87 -5.44 -0.93 0.53
CA LEU B 87 -5.35 0.49 0.81
C LEU B 87 -5.32 1.26 -0.50
N ASP B 88 -4.50 0.82 -1.46
CA ASP B 88 -4.46 1.52 -2.72
C ASP B 88 -5.80 1.47 -3.43
N ALA B 89 -6.48 0.33 -3.37
CA ALA B 89 -7.79 0.19 -4.00
C ALA B 89 -8.72 1.29 -3.49
N MET B 90 -8.64 1.58 -2.20
CA MET B 90 -9.48 2.62 -1.62
C MET B 90 -9.10 4.01 -2.12
N TRP B 91 -7.80 4.29 -2.15
CA TRP B 91 -7.34 5.54 -2.76
C TRP B 91 -7.82 5.66 -4.22
N GLN B 92 -7.68 4.59 -4.99
CA GLN B 92 -8.08 4.66 -6.39
C GLN B 92 -9.57 4.98 -6.51
N LEU B 93 -10.39 4.43 -5.61
CA LEU B 93 -11.83 4.67 -5.68
C LEU B 93 -12.18 6.12 -5.31
N VAL B 94 -11.41 6.71 -4.39
CA VAL B 94 -11.62 8.13 -4.08
C VAL B 94 -11.32 8.97 -5.32
N GLY B 95 -10.21 8.69 -5.99
CA GLY B 95 -9.88 9.43 -7.21
C GLY B 95 -10.91 9.22 -8.30
N PHE B 96 -11.34 7.98 -8.46
CA PHE B 96 -12.33 7.63 -9.48
C PHE B 96 -13.64 8.39 -9.23
N TYR B 97 -14.05 8.47 -7.98
CA TYR B 97 -15.27 9.17 -7.62
C TYR B 97 -15.18 10.64 -8.00
N LEU B 98 -14.04 11.27 -7.72
CA LEU B 98 -13.84 12.67 -8.12
C LEU B 98 -13.96 12.85 -9.65
N GLY B 99 -13.44 11.89 -10.41
CA GLY B 99 -13.58 11.93 -11.85
C GLY B 99 -15.02 11.68 -12.29
N TRP B 100 -15.70 10.80 -11.57
CA TRP B 100 -17.09 10.46 -11.85
C TRP B 100 -17.98 11.71 -11.73
N LEU B 101 -17.66 12.58 -10.78
CA LEU B 101 -18.39 13.84 -10.63
C LEU B 101 -18.12 14.81 -11.78
N GLY B 102 -17.08 14.55 -12.56
CA GLY B 102 -16.71 15.43 -13.65
C GLY B 102 -15.35 16.09 -13.49
N GLY B 103 -14.65 15.76 -12.41
CA GLY B 103 -13.36 16.35 -12.14
C GLY B 103 -12.29 15.96 -13.14
N GLU B 104 -11.51 16.95 -13.58
CA GLU B 104 -10.43 16.70 -14.54
C GLU B 104 -9.10 16.69 -13.83
N GLY B 105 -8.18 15.89 -14.32
CA GLY B 105 -6.84 15.87 -13.79
C GLY B 105 -6.34 14.46 -13.58
N LYS B 106 -5.10 14.35 -13.12
CA LYS B 106 -4.48 13.06 -12.86
C LYS B 106 -4.42 12.84 -11.36
N GLY B 107 -4.79 11.64 -10.92
CA GLY B 107 -4.89 11.38 -9.51
C GLY B 107 -3.58 11.05 -8.82
N ARG B 108 -3.44 11.51 -7.58
CA ARG B 108 -2.34 11.13 -6.70
C ARG B 108 -2.89 10.97 -5.30
N ALA B 109 -2.69 9.80 -4.70
CA ALA B 109 -2.96 9.65 -3.28
C ALA B 109 -2.10 10.65 -2.53
N LEU B 110 -2.70 11.33 -1.55
CA LEU B 110 -1.98 12.34 -0.77
C LEU B 110 -1.69 11.88 0.66
N GLY B 111 -2.38 10.84 1.12
CA GLY B 111 -2.14 10.32 2.46
C GLY B 111 -3.36 9.67 3.05
N VAL B 112 -3.23 9.27 4.30
CA VAL B 112 -4.33 8.65 5.03
C VAL B 112 -4.07 8.83 6.51
N GLY B 113 -5.12 8.87 7.30
CA GLY B 113 -5.02 8.81 8.73
C GLY B 113 -4.86 7.34 9.11
N GLU B 114 -5.49 6.95 10.21
CA GLU B 114 -5.28 5.62 10.75
C GLU B 114 -5.76 4.50 9.82
N VAL B 115 -4.89 3.52 9.58
CA VAL B 115 -5.23 2.31 8.86
C VAL B 115 -5.04 1.12 9.78
N LYS B 116 -6.05 0.27 9.88
CA LYS B 116 -5.96 -0.95 10.67
C LYS B 116 -6.18 -2.16 9.78
N PHE B 117 -5.22 -3.09 9.80
CA PHE B 117 -5.38 -4.39 9.15
C PHE B 117 -5.67 -5.43 10.25
N THR B 118 -6.91 -5.88 10.35
CA THR B 118 -7.29 -6.79 11.44
C THR B 118 -7.61 -8.20 10.98
N GLY B 119 -7.43 -8.46 9.69
CA GLY B 119 -7.66 -9.77 9.13
C GLY B 119 -6.89 -9.90 7.84
N GLN B 120 -7.03 -11.03 7.18
CA GLN B 120 -6.29 -11.26 5.94
C GLN B 120 -7.16 -11.77 4.80
N VAL B 121 -6.71 -11.50 3.59
CA VAL B 121 -7.34 -12.01 2.39
C VAL B 121 -6.47 -13.16 1.88
N LEU B 122 -7.01 -14.37 1.94
CA LEU B 122 -6.30 -15.57 1.53
C LEU B 122 -6.89 -16.06 0.22
N PRO B 123 -6.18 -16.96 -0.48
CA PRO B 123 -6.71 -17.42 -1.77
C PRO B 123 -8.08 -18.10 -1.67
N ASP B 124 -8.36 -18.72 -0.53
N ASP B 124 -8.36 -18.71 -0.53
CA ASP B 124 -9.63 -19.41 -0.32
CA ASP B 124 -9.61 -19.41 -0.31
C ASP B 124 -10.82 -18.48 -0.12
C ASP B 124 -10.81 -18.48 -0.19
N ALA B 125 -10.55 -17.18 -0.10
CA ALA B 125 -11.62 -16.19 0.00
C ALA B 125 -12.37 -16.16 -1.32
N LYS B 126 -13.58 -15.61 -1.32
CA LYS B 126 -14.30 -15.44 -2.57
C LYS B 126 -14.29 -14.01 -3.09
N LYS B 127 -14.56 -13.05 -2.22
CA LYS B 127 -14.79 -11.68 -2.68
C LYS B 127 -14.35 -10.64 -1.65
N VAL B 128 -13.59 -9.67 -2.11
CA VAL B 128 -13.29 -8.49 -1.31
C VAL B 128 -14.23 -7.37 -1.71
N THR B 129 -14.78 -6.69 -0.72
CA THR B 129 -15.63 -5.54 -0.97
C THR B 129 -14.98 -4.29 -0.42
N TYR B 130 -15.02 -3.21 -1.18
CA TYR B 130 -14.53 -1.92 -0.73
C TYR B 130 -15.72 -0.99 -0.54
N ARG B 131 -15.77 -0.33 0.62
N ARG B 131 -15.77 -0.32 0.61
CA ARG B 131 -16.81 0.65 0.91
CA ARG B 131 -16.81 0.65 0.88
C ARG B 131 -16.17 2.00 1.20
C ARG B 131 -16.17 2.00 1.20
N ILE B 132 -16.53 3.02 0.41
CA ILE B 132 -15.92 4.34 0.56
C ILE B 132 -16.98 5.36 0.92
N ASN B 133 -16.79 6.01 2.07
CA ASN B 133 -17.72 7.02 2.56
C ASN B 133 -17.07 8.40 2.58
N PHE B 134 -17.46 9.26 1.65
CA PHE B 134 -16.83 10.57 1.54
C PHE B 134 -17.18 11.49 2.69
N LYS B 135 -16.21 12.31 3.08
CA LYS B 135 -16.41 13.35 4.08
C LYS B 135 -16.26 14.76 3.49
N ARG B 136 -15.40 14.90 2.49
N ARG B 136 -15.40 14.90 2.50
CA ARG B 136 -15.17 16.19 1.85
CA ARG B 136 -15.19 16.18 1.85
C ARG B 136 -14.90 16.01 0.36
C ARG B 136 -14.89 16.02 0.36
N VAL B 137 -15.54 16.85 -0.45
CA VAL B 137 -15.27 16.92 -1.87
C VAL B 137 -14.96 18.37 -2.15
N ILE B 138 -13.73 18.64 -2.58
CA ILE B 138 -13.23 20.00 -2.68
C ILE B 138 -12.84 20.29 -4.12
N MET B 139 -13.66 21.08 -4.82
N MET B 139 -13.69 21.06 -4.80
CA MET B 139 -13.41 21.36 -6.23
CA MET B 139 -13.45 21.42 -6.20
C MET B 139 -12.62 22.64 -6.46
C MET B 139 -12.65 22.72 -6.27
N ARG B 140 -11.34 22.60 -6.10
CA ARG B 140 -10.45 23.75 -6.21
C ARG B 140 -9.48 23.51 -7.37
N LYS B 141 -8.47 24.36 -7.51
CA LYS B 141 -7.48 24.14 -8.56
C LYS B 141 -6.95 22.72 -8.48
N LEU B 142 -6.61 22.31 -7.26
CA LEU B 142 -6.43 20.89 -6.95
C LEU B 142 -7.77 20.38 -6.47
N ILE B 143 -8.32 19.39 -7.16
CA ILE B 143 -9.55 18.74 -6.73
C ILE B 143 -9.17 17.72 -5.68
N MET B 144 -9.76 17.83 -4.49
N MET B 144 -9.79 17.79 -4.51
CA MET B 144 -9.44 16.92 -3.40
CA MET B 144 -9.40 16.90 -3.41
C MET B 144 -10.65 16.11 -2.95
C MET B 144 -10.60 16.17 -2.81
N GLY B 145 -10.40 14.89 -2.52
CA GLY B 145 -11.42 14.09 -1.86
C GLY B 145 -10.86 13.55 -0.56
N VAL B 146 -11.68 13.59 0.49
CA VAL B 146 -11.34 13.00 1.78
C VAL B 146 -12.47 12.03 2.14
N ALA B 147 -12.11 10.81 2.52
CA ALA B 147 -13.10 9.76 2.77
C ALA B 147 -12.61 8.78 3.82
N ASP B 148 -13.55 8.07 4.43
CA ASP B 148 -13.23 6.91 5.24
C ASP B 148 -13.52 5.68 4.42
N GLY B 149 -12.77 4.62 4.65
CA GLY B 149 -12.95 3.41 3.87
C GLY B 149 -12.99 2.16 4.72
N GLU B 150 -13.64 1.13 4.19
CA GLU B 150 -13.58 -0.20 4.76
C GLU B 150 -13.28 -1.21 3.67
N VAL B 151 -12.52 -2.23 4.05
CA VAL B 151 -12.31 -3.40 3.21
C VAL B 151 -12.92 -4.61 3.92
N LEU B 152 -13.75 -5.34 3.19
CA LEU B 152 -14.36 -6.57 3.70
C LEU B 152 -13.86 -7.75 2.90
N VAL B 153 -13.73 -8.90 3.55
CA VAL B 153 -13.53 -10.14 2.82
C VAL B 153 -14.67 -11.09 3.18
N ASP B 154 -15.33 -11.62 2.17
CA ASP B 154 -16.47 -12.52 2.36
C ASP B 154 -17.46 -11.95 3.37
N GLY B 155 -17.69 -10.64 3.29
CA GLY B 155 -18.74 -10.00 4.06
C GLY B 155 -18.38 -9.49 5.43
N LYS B 156 -17.12 -9.65 5.83
CA LYS B 156 -16.67 -9.18 7.14
C LYS B 156 -15.61 -8.11 7.01
N VAL B 157 -15.77 -7.02 7.75
CA VAL B 157 -14.80 -5.93 7.74
C VAL B 157 -13.46 -6.39 8.31
N ILE B 158 -12.40 -6.25 7.51
CA ILE B 158 -11.05 -6.60 7.95
C ILE B 158 -10.06 -5.43 7.95
N TYR B 159 -10.29 -4.41 7.11
CA TYR B 159 -9.46 -3.20 7.18
C TYR B 159 -10.35 -1.97 7.35
N THR B 160 -9.84 -0.98 8.07
CA THR B 160 -10.43 0.34 8.09
C THR B 160 -9.38 1.39 7.79
N ALA B 161 -9.80 2.47 7.14
CA ALA B 161 -8.92 3.59 6.86
C ALA B 161 -9.70 4.86 7.10
N THR B 162 -9.11 5.75 7.89
N THR B 162 -9.13 5.75 7.91
CA THR B 162 -9.70 7.03 8.22
CA THR B 162 -9.77 7.04 8.17
C THR B 162 -8.99 8.13 7.43
C THR B 162 -9.02 8.15 7.48
N ASP B 163 -9.76 9.05 6.86
CA ASP B 163 -9.19 10.21 6.19
C ASP B 163 -8.23 9.86 5.04
N LEU B 164 -8.64 8.93 4.19
CA LEU B 164 -8.04 8.78 2.87
C LEU B 164 -8.11 10.12 2.15
N LYS B 165 -6.99 10.57 1.59
CA LYS B 165 -6.96 11.83 0.85
C LYS B 165 -6.35 11.61 -0.53
N VAL B 166 -7.04 12.10 -1.55
CA VAL B 166 -6.59 11.99 -2.93
C VAL B 166 -6.83 13.31 -3.64
N GLY B 167 -5.88 13.70 -4.48
CA GLY B 167 -6.04 14.91 -5.28
C GLY B 167 -6.01 14.62 -6.77
N LEU B 168 -6.74 15.41 -7.55
CA LEU B 168 -6.57 15.38 -9.01
C LEU B 168 -5.79 16.62 -9.42
N PHE B 169 -4.61 16.39 -10.00
CA PHE B 169 -3.72 17.46 -10.44
C PHE B 169 -3.89 17.78 -11.91
N LYS B 170 -4.01 19.07 -12.24
CA LYS B 170 -4.01 19.49 -13.62
C LYS B 170 -2.64 19.23 -14.24
N ASP B 171 -1.62 19.34 -13.41
CA ASP B 171 -0.25 19.18 -13.86
C ASP B 171 0.58 18.56 -12.74
N THR B 172 1.24 17.45 -13.05
CA THR B 172 2.10 16.79 -12.09
C THR B 172 3.57 17.13 -12.35
O1 MES C . 2.02 13.84 -3.95
C2 MES C . 1.77 15.24 -3.96
C3 MES C . 2.77 16.01 -4.82
N4 MES C . 2.76 15.38 -6.13
C5 MES C . 2.88 13.94 -6.28
C6 MES C . 2.07 13.20 -5.22
C7 MES C . 2.68 16.20 -7.33
C8 MES C . 3.69 17.32 -7.17
S MES C . 5.25 16.76 -7.17
O1S MES C . 6.11 17.66 -6.38
O2S MES C . 5.33 15.40 -6.59
O3S MES C . 5.76 16.73 -8.57
O1 MES D . -3.41 -8.98 10.46
O1 MES D . -3.53 -8.87 10.27
C2 MES D . -3.44 -10.07 9.55
C2 MES D . -2.91 -9.89 9.50
C3 MES D . -2.62 -11.22 10.12
C3 MES D . -3.64 -11.22 9.64
N4 MES D . -3.37 -11.63 11.28
N4 MES D . -3.51 -11.59 11.03
C5 MES D . -3.88 -10.60 12.18
C5 MES D . -3.27 -10.56 12.05
C6 MES D . -3.06 -9.38 11.78
C6 MES D . -3.97 -9.30 11.58
C7 MES D . -3.65 -13.04 11.55
C7 MES D . -3.61 -12.99 11.41
C8 MES D . -4.95 -13.06 12.35
C8 MES D . -3.42 -13.08 12.91
S MES D . -6.24 -13.07 11.30
S MES D . -4.34 -14.32 13.48
O1S MES D . -6.02 -12.04 10.27
O1S MES D . -4.14 -14.48 14.95
O2S MES D . -6.33 -14.39 10.65
O2S MES D . -5.78 -14.05 13.21
O3S MES D . -7.50 -12.78 12.03
O3S MES D . -3.95 -15.57 12.79
#